data_9U9C
#
_entry.id   9U9C
#
_cell.length_a   39.210
_cell.length_b   79.330
_cell.length_c   134.480
_cell.angle_alpha   90.000
_cell.angle_beta   90.000
_cell.angle_gamma   90.000
#
_symmetry.space_group_name_H-M   'P 21 21 21'
#
loop_
_entity.id
_entity.type
_entity.pdbx_description
1 polymer 'Metallo-beta-lactamase type 2'
2 non-polymer 'ZINC ION'
3 non-polymer '(2~{R},4~{S})-2-[(1~{R})-1-[[(2~{R})-2-azanyl-2-(4-hydroxyphenyl)ethanoyl]amino]-2-oxidanyl-2-oxidanylidene-ethyl]-5,5-dimethyl-1,3-thiazolidine-4-carboxylic acid'
4 water water
#
_entity_poly.entity_id   1
_entity_poly.type   'polypeptide(L)'
_entity_poly.pdbx_seq_one_letter_code
;GEIRPTIGQQMETGDQRFGDLVFRQLAPNVWQHTSYLDMPGFGAVASNGLIVRDGGRVLVVDTAWTDDQTAQILNWIKQE
INLPVALAVVTHAHQDKMGGMDALHAAGIATYANALSNQLAPQEGMVAAQHSLTFAANGWVEPATAPNFGPLKVFYPGPG
HTSDNITVGIDGTDIAFGGCLIKDSKAKSLGNLGDADTEHYAASARAFGAAFPKASMIVMSHSAPDSRAAITHTARMADK
LR
;
_entity_poly.pdbx_strand_id   A,B
#
# COMPACT_ATOMS: atom_id res chain seq x y z
N ILE A 3 6.25 -1.70 -13.20
CA ILE A 3 6.43 -0.36 -13.76
C ILE A 3 6.28 0.73 -12.70
N ARG A 4 5.05 0.95 -12.22
CA ARG A 4 4.73 1.99 -11.24
C ARG A 4 3.98 1.35 -10.07
N PRO A 5 4.70 0.82 -9.08
CA PRO A 5 4.03 0.03 -8.05
C PRO A 5 3.06 0.82 -7.19
N THR A 6 2.00 0.11 -6.77
CA THR A 6 1.10 0.60 -5.72
C THR A 6 1.77 0.51 -4.36
N ILE A 7 2.56 -0.54 -4.13
CA ILE A 7 3.37 -0.68 -2.93
C ILE A 7 4.80 -1.00 -3.38
N GLY A 8 5.76 -0.32 -2.79
CA GLY A 8 7.16 -0.43 -3.17
C GLY A 8 7.65 0.81 -3.89
N GLN A 9 8.98 0.94 -3.96
CA GLN A 9 9.58 2.13 -4.51
C GLN A 9 9.39 2.19 -6.03
N GLN A 10 9.37 3.41 -6.55
CA GLN A 10 9.30 3.67 -7.97
C GLN A 10 10.70 3.56 -8.58
N MET A 11 10.74 3.44 -9.91
CA MET A 11 12.04 3.43 -10.58
C MET A 11 12.67 4.83 -10.60
N GLU A 12 13.98 4.86 -10.42
CA GLU A 12 14.74 6.10 -10.35
C GLU A 12 16.04 5.92 -11.12
N THR A 13 16.81 7.00 -11.21
CA THR A 13 18.08 6.93 -11.91
C THR A 13 18.99 5.91 -11.24
N GLY A 14 19.75 5.17 -12.05
CA GLY A 14 20.56 4.08 -11.57
C GLY A 14 19.89 2.73 -11.64
N ASP A 15 18.63 2.66 -12.04
CA ASP A 15 17.93 1.40 -12.15
C ASP A 15 18.04 0.86 -13.59
N GLN A 16 18.29 -0.44 -13.70
CA GLN A 16 18.36 -1.12 -14.99
C GLN A 16 17.18 -2.08 -15.09
N ARG A 17 16.36 -1.89 -16.13
CA ARG A 17 15.25 -2.81 -16.37
C ARG A 17 15.77 -4.02 -17.16
N PHE A 18 15.39 -5.22 -16.73
CA PHE A 18 15.80 -6.46 -17.41
C PHE A 18 14.59 -7.36 -17.39
N GLY A 19 13.97 -7.55 -18.55
CA GLY A 19 12.72 -8.29 -18.60
C GLY A 19 11.70 -7.61 -17.70
N ASP A 20 11.14 -8.36 -16.76
CA ASP A 20 10.12 -7.85 -15.85
C ASP A 20 10.69 -7.39 -14.53
N LEU A 21 12.02 -7.32 -14.40
CA LEU A 21 12.67 -7.02 -13.15
C LEU A 21 13.47 -5.72 -13.26
N VAL A 22 13.88 -5.22 -12.12
CA VAL A 22 14.75 -4.05 -12.05
C VAL A 22 15.94 -4.37 -11.16
N PHE A 23 17.12 -3.93 -11.58
CA PHE A 23 18.36 -4.14 -10.84
C PHE A 23 19.04 -2.81 -10.57
N ARG A 24 19.64 -2.68 -9.40
CA ARG A 24 20.35 -1.46 -9.04
C ARG A 24 21.64 -1.85 -8.35
N GLN A 25 22.76 -1.31 -8.81
CA GLN A 25 24.02 -1.61 -8.15
C GLN A 25 24.16 -0.74 -6.89
N LEU A 26 24.44 -1.39 -5.76
CA LEU A 26 24.58 -0.69 -4.47
C LEU A 26 26.02 -0.52 -4.03
N ALA A 27 26.90 -1.40 -4.48
CA ALA A 27 28.32 -1.36 -4.12
C ALA A 27 29.05 -2.13 -5.20
N PRO A 28 30.39 -2.07 -5.23
CA PRO A 28 31.10 -2.76 -6.31
C PRO A 28 30.70 -4.22 -6.51
N ASN A 29 30.31 -4.93 -5.44
CA ASN A 29 29.98 -6.35 -5.55
C ASN A 29 28.57 -6.67 -5.07
N VAL A 30 27.69 -5.66 -4.97
CA VAL A 30 26.35 -5.87 -4.42
C VAL A 30 25.32 -5.17 -5.30
N TRP A 31 24.24 -5.88 -5.63
CA TRP A 31 23.12 -5.35 -6.38
C TRP A 31 21.82 -5.68 -5.66
N GLN A 32 20.80 -4.84 -5.86
CA GLN A 32 19.45 -5.12 -5.39
C GLN A 32 18.60 -5.58 -6.57
N HIS A 33 17.90 -6.70 -6.40
CA HIS A 33 16.93 -7.19 -7.37
C HIS A 33 15.53 -6.78 -6.94
N THR A 34 14.71 -6.37 -7.91
CA THR A 34 13.32 -6.00 -7.64
C THR A 34 12.39 -6.70 -8.62
N SER A 35 11.35 -7.34 -8.07
CA SER A 35 10.33 -8.02 -8.85
C SER A 35 8.96 -7.53 -8.41
N TYR A 36 7.94 -7.77 -9.25
CA TYR A 36 6.63 -7.16 -9.06
C TYR A 36 5.53 -8.20 -9.15
N LEU A 37 4.60 -8.14 -8.21
CA LEU A 37 3.41 -8.98 -8.25
C LEU A 37 2.25 -8.10 -8.63
N ASP A 38 1.61 -8.39 -9.74
CA ASP A 38 0.55 -7.54 -10.25
C ASP A 38 -0.76 -8.13 -9.80
N MET A 39 -1.45 -7.42 -8.90
CA MET A 39 -2.71 -7.90 -8.37
C MET A 39 -3.86 -7.22 -9.10
N PRO A 40 -4.73 -7.98 -9.75
CA PRO A 40 -5.76 -7.36 -10.59
C PRO A 40 -6.67 -6.46 -9.76
N GLY A 41 -6.94 -5.27 -10.28
CA GLY A 41 -7.75 -4.29 -9.59
C GLY A 41 -7.06 -3.52 -8.49
N PHE A 42 -5.74 -3.68 -8.32
CA PHE A 42 -5.01 -3.05 -7.24
C PHE A 42 -3.69 -2.48 -7.76
N GLY A 43 -2.99 -3.20 -8.62
CA GLY A 43 -1.74 -2.74 -9.15
C GLY A 43 -0.60 -3.61 -8.69
N ALA A 44 0.62 -3.10 -8.86
CA ALA A 44 1.83 -3.88 -8.65
C ALA A 44 2.42 -3.67 -7.25
N VAL A 45 2.96 -4.76 -6.68
CA VAL A 45 3.67 -4.73 -5.40
C VAL A 45 5.13 -5.12 -5.68
N ALA A 46 6.07 -4.20 -5.43
CA ALA A 46 7.49 -4.47 -5.59
C ALA A 46 8.07 -5.17 -4.36
N SER A 47 9.02 -6.08 -4.60
CA SER A 47 9.79 -6.71 -3.54
C SER A 47 11.26 -6.74 -3.94
N ASN A 48 12.13 -6.45 -2.97
CA ASN A 48 13.57 -6.36 -3.18
C ASN A 48 14.32 -7.48 -2.47
N GLY A 49 15.39 -7.95 -3.11
CA GLY A 49 16.39 -8.82 -2.49
C GLY A 49 17.78 -8.39 -2.94
N LEU A 50 18.79 -9.21 -2.66
CA LEU A 50 20.16 -8.82 -2.96
C LEU A 50 20.87 -9.90 -3.78
N ILE A 51 21.89 -9.44 -4.50
CA ILE A 51 22.83 -10.28 -5.24
C ILE A 51 24.23 -9.83 -4.83
N VAL A 52 25.06 -10.78 -4.40
CA VAL A 52 26.39 -10.48 -3.90
C VAL A 52 27.41 -11.31 -4.67
N ARG A 53 28.44 -10.67 -5.20
CA ARG A 53 29.56 -11.36 -5.80
C ARG A 53 30.68 -11.48 -4.77
N ASP A 54 31.13 -12.70 -4.47
CA ASP A 54 32.20 -12.91 -3.51
C ASP A 54 33.06 -14.06 -4.00
N GLY A 55 34.37 -13.88 -4.07
CA GLY A 55 35.20 -15.05 -4.31
C GLY A 55 34.83 -15.94 -5.50
N GLY A 56 34.57 -15.33 -6.66
CA GLY A 56 34.24 -16.03 -7.89
C GLY A 56 32.86 -16.63 -7.94
N ARG A 57 32.02 -16.36 -6.95
CA ARG A 57 30.68 -16.87 -6.98
C ARG A 57 29.69 -15.78 -6.62
N VAL A 58 28.42 -16.09 -6.85
CA VAL A 58 27.33 -15.19 -6.56
C VAL A 58 26.46 -15.83 -5.49
N LEU A 59 26.04 -15.00 -4.53
CA LEU A 59 25.16 -15.39 -3.44
C LEU A 59 23.90 -14.54 -3.57
N VAL A 60 22.75 -15.16 -3.43
CA VAL A 60 21.48 -14.47 -3.59
C VAL A 60 20.78 -14.40 -2.25
N VAL A 61 20.19 -13.25 -1.94
CA VAL A 61 19.34 -13.10 -0.76
C VAL A 61 17.94 -12.84 -1.27
N ASP A 62 17.03 -13.77 -0.96
CA ASP A 62 15.61 -13.77 -1.31
C ASP A 62 15.36 -14.13 -2.76
N THR A 63 14.30 -14.90 -3.01
CA THR A 63 13.82 -15.09 -4.38
C THR A 63 12.99 -13.89 -4.81
N ALA A 64 12.52 -13.93 -6.06
CA ALA A 64 11.45 -13.04 -6.51
C ALA A 64 10.10 -13.65 -6.12
N TRP A 65 8.99 -13.01 -6.50
CA TRP A 65 7.68 -13.52 -6.12
C TRP A 65 7.36 -14.87 -6.78
N THR A 66 7.91 -15.12 -7.97
CA THR A 66 7.57 -16.31 -8.74
C THR A 66 8.81 -17.03 -9.28
N ASP A 67 8.59 -18.28 -9.68
CA ASP A 67 9.65 -19.07 -10.29
C ASP A 67 10.14 -18.41 -11.57
N ASP A 68 9.22 -17.94 -12.42
CA ASP A 68 9.67 -17.30 -13.65
C ASP A 68 10.50 -16.06 -13.38
N GLN A 69 10.08 -15.22 -12.43
CA GLN A 69 10.85 -14.04 -12.12
C GLN A 69 12.22 -14.41 -11.56
N THR A 70 12.26 -15.47 -10.77
CA THR A 70 13.54 -15.91 -10.20
C THR A 70 14.47 -16.45 -11.28
N ALA A 71 13.92 -17.16 -12.27
CA ALA A 71 14.73 -17.56 -13.41
C ALA A 71 15.27 -16.35 -14.14
N GLN A 72 14.49 -15.26 -14.20
CA GLN A 72 15.00 -14.04 -14.83
C GLN A 72 16.14 -13.44 -14.03
N ILE A 73 16.07 -13.50 -12.70
CA ILE A 73 17.21 -13.07 -11.88
C ILE A 73 18.45 -13.87 -12.28
N LEU A 74 18.30 -15.19 -12.41
CA LEU A 74 19.46 -16.00 -12.74
C LEU A 74 19.98 -15.66 -14.13
N ASN A 75 19.09 -15.33 -15.06
CA ASN A 75 19.55 -14.95 -16.39
C ASN A 75 20.25 -13.59 -16.38
N TRP A 76 19.76 -12.64 -15.57
CA TRP A 76 20.48 -11.37 -15.42
C TRP A 76 21.87 -11.62 -14.85
N ILE A 77 21.98 -12.48 -13.84
CA ILE A 77 23.29 -12.80 -13.27
C ILE A 77 24.21 -13.34 -14.36
N LYS A 78 23.69 -14.24 -15.19
CA LYS A 78 24.51 -14.83 -16.24
C LYS A 78 25.00 -13.77 -17.21
N GLN A 79 24.15 -12.81 -17.56
CA GLN A 79 24.55 -11.79 -18.54
C GLN A 79 25.48 -10.75 -17.94
N GLU A 80 25.22 -10.29 -16.71
CA GLU A 80 25.93 -9.15 -16.15
C GLU A 80 27.15 -9.52 -15.32
N ILE A 81 27.12 -10.68 -14.66
CA ILE A 81 28.19 -11.11 -13.78
C ILE A 81 28.90 -12.34 -14.33
N ASN A 82 28.13 -13.30 -14.86
CA ASN A 82 28.70 -14.48 -15.50
C ASN A 82 29.65 -15.23 -14.56
N LEU A 83 29.12 -15.57 -13.38
CA LEU A 83 29.76 -16.41 -12.39
C LEU A 83 28.71 -17.36 -11.83
N PRO A 84 29.14 -18.51 -11.33
CA PRO A 84 28.19 -19.49 -10.77
C PRO A 84 27.50 -18.95 -9.52
N VAL A 85 26.21 -19.26 -9.38
CA VAL A 85 25.44 -18.90 -8.20
C VAL A 85 25.56 -20.04 -7.20
N ALA A 86 26.31 -19.81 -6.12
CA ALA A 86 26.63 -20.87 -5.17
C ALA A 86 25.47 -21.20 -4.24
N LEU A 87 24.75 -20.20 -3.77
CA LEU A 87 23.77 -20.43 -2.73
C LEU A 87 22.82 -19.25 -2.67
N ALA A 88 21.67 -19.50 -2.08
CA ALA A 88 20.72 -18.45 -1.75
C ALA A 88 20.29 -18.60 -0.30
N VAL A 89 20.10 -17.48 0.39
CA VAL A 89 19.46 -17.44 1.70
CA VAL A 89 19.48 -17.42 1.71
C VAL A 89 18.15 -16.70 1.56
N VAL A 90 17.09 -17.25 2.13
CA VAL A 90 15.79 -16.62 2.01
C VAL A 90 15.32 -16.24 3.41
N THR A 91 14.68 -15.08 3.53
CA THR A 91 14.60 -14.44 4.83
C THR A 91 13.32 -14.68 5.63
N HIS A 92 12.28 -15.27 5.04
CA HIS A 92 11.18 -15.89 5.79
C HIS A 92 10.22 -16.53 4.79
N ALA A 93 9.30 -17.34 5.33
CA ALA A 93 8.42 -18.16 4.51
C ALA A 93 7.16 -17.40 4.10
N HIS A 94 7.34 -16.44 3.18
CA HIS A 94 6.24 -15.76 2.50
C HIS A 94 6.60 -15.62 1.03
N GLN A 95 5.57 -15.37 0.19
CA GLN A 95 5.75 -15.41 -1.26
C GLN A 95 6.80 -14.43 -1.79
N ASP A 96 6.85 -13.22 -1.24
CA ASP A 96 7.80 -12.25 -1.77
C ASP A 96 9.25 -12.69 -1.57
N LYS A 97 9.52 -13.55 -0.59
CA LYS A 97 10.88 -13.96 -0.28
C LYS A 97 11.21 -15.37 -0.71
N MET A 98 10.19 -16.24 -0.80
CA MET A 98 10.34 -17.66 -1.11
C MET A 98 9.52 -18.17 -2.27
N GLY A 99 8.85 -17.31 -3.03
CA GLY A 99 7.98 -17.81 -4.07
C GLY A 99 8.73 -18.48 -5.21
N GLY A 100 10.03 -18.24 -5.36
CA GLY A 100 10.81 -18.77 -6.46
C GLY A 100 11.77 -19.92 -6.17
N MET A 101 11.53 -20.63 -5.07
CA MET A 101 12.47 -21.66 -4.64
C MET A 101 12.65 -22.75 -5.70
N ASP A 102 11.57 -23.16 -6.37
CA ASP A 102 11.71 -24.23 -7.36
C ASP A 102 12.71 -23.85 -8.45
N ALA A 103 12.70 -22.58 -8.86
CA ALA A 103 13.63 -22.13 -9.89
C ALA A 103 15.07 -22.23 -9.42
N LEU A 104 15.33 -21.88 -8.16
CA LEU A 104 16.69 -22.03 -7.64
C LEU A 104 17.10 -23.48 -7.61
N HIS A 105 16.21 -24.36 -7.14
CA HIS A 105 16.53 -25.77 -7.03
C HIS A 105 16.79 -26.39 -8.39
N ALA A 106 16.01 -26.01 -9.39
CA ALA A 106 16.17 -26.57 -10.72
C ALA A 106 17.51 -26.19 -11.32
N ALA A 107 18.03 -25.03 -10.93
CA ALA A 107 19.31 -24.52 -11.41
C ALA A 107 20.48 -25.10 -10.65
N GLY A 108 20.25 -25.97 -9.67
CA GLY A 108 21.35 -26.54 -8.92
C GLY A 108 21.89 -25.68 -7.81
N ILE A 109 21.14 -24.67 -7.36
CA ILE A 109 21.61 -23.73 -6.36
C ILE A 109 21.21 -24.23 -4.98
N ALA A 110 22.17 -24.28 -4.06
CA ALA A 110 21.89 -24.69 -2.68
C ALA A 110 21.14 -23.61 -1.94
N THR A 111 20.10 -23.98 -1.21
CA THR A 111 19.26 -22.99 -0.54
C THR A 111 19.24 -23.17 0.97
N TYR A 112 19.17 -22.03 1.67
CA TYR A 112 19.25 -21.99 3.12
C TYR A 112 18.14 -21.07 3.66
N ALA A 113 17.51 -21.50 4.74
CA ALA A 113 16.53 -20.68 5.44
C ALA A 113 16.56 -21.04 6.91
N ASN A 114 16.06 -20.15 7.75
CA ASN A 114 15.81 -20.49 9.14
C ASN A 114 15.05 -21.82 9.23
N ALA A 115 15.47 -22.70 10.12
CA ALA A 115 14.73 -23.95 10.32
C ALA A 115 13.24 -23.69 10.47
N LEU A 116 12.89 -22.66 11.23
CA LEU A 116 11.47 -22.36 11.42
C LEU A 116 10.79 -21.96 10.11
N SER A 117 11.50 -21.24 9.23
CA SER A 117 10.94 -20.94 7.92
C SER A 117 10.67 -22.22 7.14
N ASN A 118 11.59 -23.18 7.22
CA ASN A 118 11.37 -24.44 6.52
C ASN A 118 10.21 -25.22 7.13
N GLN A 119 10.03 -25.14 8.45
CA GLN A 119 8.89 -25.80 9.08
C GLN A 119 7.57 -25.14 8.70
N LEU A 120 7.55 -23.81 8.60
CA LEU A 120 6.35 -23.08 8.20
C LEU A 120 6.08 -23.12 6.71
N ALA A 121 7.10 -23.38 5.89
CA ALA A 121 6.97 -23.21 4.45
C ALA A 121 5.75 -23.89 3.85
N PRO A 122 5.51 -25.19 4.05
CA PRO A 122 4.32 -25.79 3.44
C PRO A 122 3.03 -25.13 3.89
N GLN A 123 2.95 -24.75 5.17
CA GLN A 123 1.74 -24.12 5.69
C GLN A 123 1.52 -22.74 5.07
N GLU A 124 2.60 -22.12 4.61
CA GLU A 124 2.58 -20.81 3.96
C GLU A 124 2.58 -20.92 2.45
N GLY A 125 2.44 -22.12 1.88
CA GLY A 125 2.38 -22.23 0.43
C GLY A 125 3.73 -22.21 -0.27
N MET A 126 4.82 -22.33 0.50
CA MET A 126 6.16 -22.27 -0.01
C MET A 126 6.87 -23.61 -0.06
N VAL A 127 7.80 -23.73 -1.00
CA VAL A 127 8.73 -24.85 -1.03
C VAL A 127 9.85 -24.56 -0.03
N ALA A 128 10.15 -25.53 0.85
CA ALA A 128 11.19 -25.33 1.85
C ALA A 128 12.57 -25.25 1.20
N ALA A 129 13.49 -24.54 1.85
CA ALA A 129 14.88 -24.59 1.44
C ALA A 129 15.46 -25.98 1.72
N GLN A 130 16.58 -26.28 1.07
CA GLN A 130 17.22 -27.58 1.23
C GLN A 130 17.94 -27.72 2.55
N HIS A 131 18.33 -26.62 3.16
CA HIS A 131 19.15 -26.63 4.35
C HIS A 131 18.57 -25.65 5.35
N SER A 132 18.70 -26.00 6.63
CA SER A 132 18.17 -25.20 7.72
C SER A 132 19.29 -24.50 8.49
N LEU A 133 19.11 -23.21 8.68
CA LEU A 133 19.96 -22.44 9.56
C LEU A 133 19.37 -22.47 10.96
N THR A 134 20.24 -22.57 11.96
CA THR A 134 19.79 -22.41 13.35
C THR A 134 20.62 -21.30 13.98
N PHE A 135 20.15 -20.83 15.14
CA PHE A 135 20.63 -19.59 15.72
C PHE A 135 20.90 -19.75 17.19
N ALA A 136 21.95 -19.06 17.66
CA ALA A 136 22.20 -18.91 19.09
C ALA A 136 21.12 -18.06 19.75
N ALA A 137 21.09 -18.11 21.08
CA ALA A 137 20.16 -17.26 21.84
C ALA A 137 20.41 -15.78 21.61
N ASN A 138 21.62 -15.40 21.21
CA ASN A 138 21.93 -14.00 20.91
C ASN A 138 21.55 -13.62 19.49
N GLY A 139 21.01 -14.54 18.70
CA GLY A 139 20.53 -14.25 17.37
C GLY A 139 21.49 -14.59 16.25
N TRP A 140 22.77 -14.79 16.53
CA TRP A 140 23.71 -15.08 15.45
C TRP A 140 23.57 -16.51 14.95
N VAL A 141 23.72 -16.68 13.63
CA VAL A 141 23.63 -18.02 13.05
C VAL A 141 24.70 -18.94 13.65
N GLU A 142 24.33 -20.19 13.86
CA GLU A 142 25.28 -21.21 14.28
C GLU A 142 26.21 -21.51 13.11
N PRO A 143 27.51 -21.30 13.24
CA PRO A 143 28.38 -21.28 12.06
C PRO A 143 28.38 -22.56 11.24
N ALA A 144 28.29 -23.72 11.88
CA ALA A 144 28.31 -24.96 11.12
C ALA A 144 27.09 -25.13 10.22
N THR A 145 26.00 -24.41 10.49
CA THR A 145 24.82 -24.48 9.64
C THR A 145 24.89 -23.56 8.44
N ALA A 146 25.88 -22.67 8.39
CA ALA A 146 26.03 -21.70 7.32
C ALA A 146 27.44 -21.78 6.75
N PRO A 147 27.83 -22.92 6.18
CA PRO A 147 29.20 -23.05 5.69
C PRO A 147 29.40 -22.30 4.38
N ASN A 148 30.62 -21.81 4.18
CA ASN A 148 30.99 -21.14 2.93
C ASN A 148 30.09 -19.96 2.59
N PHE A 149 29.75 -19.16 3.59
CA PHE A 149 28.87 -18.01 3.37
C PHE A 149 29.61 -16.72 2.99
N GLY A 150 30.91 -16.75 2.81
CA GLY A 150 31.61 -15.58 2.34
C GLY A 150 31.42 -14.41 3.28
N PRO A 151 31.02 -13.25 2.75
CA PRO A 151 30.82 -12.07 3.58
C PRO A 151 29.46 -12.00 4.25
N LEU A 152 28.56 -12.95 4.01
CA LEU A 152 27.22 -12.83 4.57
C LEU A 152 27.24 -13.13 6.06
N LYS A 153 26.62 -12.24 6.83
CA LYS A 153 26.49 -12.38 8.28
C LYS A 153 24.99 -12.48 8.58
N VAL A 154 24.53 -13.66 8.98
CA VAL A 154 23.11 -13.94 9.10
C VAL A 154 22.70 -13.83 10.56
N PHE A 155 21.66 -13.05 10.81
CA PHE A 155 21.22 -12.71 12.15
C PHE A 155 19.70 -12.88 12.29
N TYR A 156 19.25 -13.62 13.31
CA TYR A 156 17.83 -13.75 13.62
C TYR A 156 17.51 -12.74 14.73
N PRO A 157 16.74 -11.68 14.46
CA PRO A 157 16.59 -10.62 15.46
C PRO A 157 15.48 -10.87 16.46
N GLY A 158 14.71 -11.93 16.29
CA GLY A 158 13.54 -12.20 17.08
C GLY A 158 12.28 -12.00 16.24
N PRO A 159 11.14 -12.43 16.78
CA PRO A 159 9.87 -12.30 16.06
C PRO A 159 9.51 -10.85 15.81
N GLY A 160 8.97 -10.58 14.62
CA GLY A 160 8.57 -9.23 14.30
C GLY A 160 7.53 -9.26 13.20
N HIS A 161 7.96 -9.05 11.96
CA HIS A 161 7.06 -9.21 10.83
C HIS A 161 6.48 -10.62 10.79
N THR A 162 7.30 -11.63 11.02
CA THR A 162 6.87 -12.99 11.28
C THR A 162 7.75 -13.55 12.40
N SER A 163 7.42 -14.74 12.89
CA SER A 163 8.25 -15.36 13.91
CA SER A 163 8.23 -15.38 13.91
C SER A 163 9.57 -15.87 13.35
N ASP A 164 9.66 -16.10 12.04
CA ASP A 164 10.84 -16.72 11.45
C ASP A 164 11.77 -15.72 10.75
N ASN A 165 11.40 -14.45 10.66
CA ASN A 165 12.20 -13.49 9.89
C ASN A 165 13.67 -13.41 10.30
N ILE A 166 14.56 -13.48 9.30
CA ILE A 166 15.99 -13.31 9.49
C ILE A 166 16.50 -12.13 8.66
N THR A 167 17.73 -11.72 8.97
CA THR A 167 18.33 -10.54 8.37
C THR A 167 19.76 -10.86 8.00
N VAL A 168 20.36 -10.04 7.14
CA VAL A 168 21.67 -10.36 6.58
C VAL A 168 22.51 -9.10 6.43
N GLY A 169 23.73 -9.11 6.96
CA GLY A 169 24.67 -8.04 6.69
C GLY A 169 25.74 -8.51 5.72
N ILE A 170 26.40 -7.58 5.04
CA ILE A 170 27.48 -7.94 4.13
C ILE A 170 28.77 -7.38 4.68
N ASP A 171 29.61 -8.25 5.26
CA ASP A 171 30.85 -7.81 5.88
C ASP A 171 31.71 -7.08 4.84
N GLY A 172 32.40 -6.02 5.28
CA GLY A 172 33.24 -5.27 4.38
C GLY A 172 32.52 -4.25 3.53
N THR A 173 31.21 -4.08 3.73
CA THR A 173 30.42 -3.09 3.00
C THR A 173 29.66 -2.26 4.02
N ASP A 174 28.90 -1.29 3.52
CA ASP A 174 28.05 -0.44 4.33
C ASP A 174 26.61 -0.97 4.41
N ILE A 175 26.35 -2.20 3.98
CA ILE A 175 25.00 -2.68 3.68
C ILE A 175 24.53 -3.70 4.72
N ALA A 176 23.29 -3.53 5.19
CA ALA A 176 22.58 -4.55 5.95
C ALA A 176 21.15 -4.64 5.42
N PHE A 177 20.62 -5.87 5.39
CA PHE A 177 19.32 -6.15 4.78
C PHE A 177 18.32 -6.59 5.85
N GLY A 178 17.24 -5.83 5.98
CA GLY A 178 16.20 -6.11 6.94
C GLY A 178 15.02 -6.89 6.41
N GLY A 179 14.97 -7.18 5.11
CA GLY A 179 13.80 -7.87 4.57
C GLY A 179 12.53 -7.13 4.88
N CYS A 180 11.47 -7.87 5.22
CA CYS A 180 10.18 -7.23 5.48
C CYS A 180 10.04 -6.73 6.92
N LEU A 181 11.03 -7.01 7.77
CA LEU A 181 10.99 -6.50 9.14
C LEU A 181 11.09 -4.99 9.18
N ILE A 182 11.98 -4.42 8.39
CA ILE A 182 12.30 -3.00 8.44
C ILE A 182 11.51 -2.27 7.35
N LYS A 183 10.89 -1.16 7.73
CA LYS A 183 10.21 -0.27 6.79
C LYS A 183 10.97 1.05 6.70
N ASP A 184 10.67 1.83 5.67
CA ASP A 184 11.54 2.98 5.51
C ASP A 184 11.21 4.11 6.48
N SER A 185 12.10 5.09 6.52
CA SER A 185 12.04 6.11 7.55
C SER A 185 10.84 7.04 7.38
N LYS A 186 10.16 6.97 6.24
CA LYS A 186 8.96 7.78 5.95
C LYS A 186 7.69 6.93 5.90
N ALA A 187 7.78 5.66 6.28
CA ALA A 187 6.64 4.75 6.21
C ALA A 187 5.56 5.19 7.19
N LYS A 188 4.29 4.99 6.80
CA LYS A 188 3.18 5.29 7.70
C LYS A 188 2.67 4.05 8.43
N SER A 189 3.07 2.86 8.00
CA SER A 189 2.64 1.65 8.67
C SER A 189 3.71 0.59 8.54
N LEU A 190 3.51 -0.49 9.29
CA LEU A 190 4.39 -1.64 9.30
C LEU A 190 3.97 -2.71 8.29
N GLY A 191 3.07 -2.40 7.35
CA GLY A 191 2.74 -3.37 6.32
C GLY A 191 1.79 -4.43 6.84
N ASN A 192 1.93 -5.66 6.33
CA ASN A 192 1.04 -6.74 6.74
C ASN A 192 1.49 -7.22 8.11
N LEU A 193 0.64 -7.01 9.12
CA LEU A 193 0.89 -7.50 10.47
C LEU A 193 0.12 -8.80 10.78
N GLY A 194 -0.47 -9.41 9.76
CA GLY A 194 -1.30 -10.58 10.00
C GLY A 194 -0.56 -11.74 10.65
N ASP A 195 0.73 -11.91 10.34
CA ASP A 195 1.54 -12.97 10.91
C ASP A 195 2.55 -12.42 11.94
N ALA A 196 2.38 -11.18 12.37
CA ALA A 196 3.41 -10.46 13.11
C ALA A 196 3.28 -10.69 14.61
N ASP A 197 4.38 -10.44 15.32
CA ASP A 197 4.43 -10.49 16.79
C ASP A 197 4.49 -9.05 17.25
N THR A 198 3.34 -8.50 17.63
CA THR A 198 3.30 -7.08 17.95
C THR A 198 3.92 -6.79 19.31
N GLU A 199 4.01 -7.78 20.20
CA GLU A 199 4.68 -7.54 21.48
C GLU A 199 6.19 -7.39 21.31
N HIS A 200 6.81 -8.22 20.46
CA HIS A 200 8.27 -8.29 20.37
C HIS A 200 8.85 -7.54 19.17
N TYR A 201 8.00 -6.99 18.30
CA TYR A 201 8.46 -6.35 17.08
C TYR A 201 9.51 -5.27 17.34
N ALA A 202 9.22 -4.36 18.28
CA ALA A 202 10.13 -3.23 18.50
C ALA A 202 11.52 -3.72 18.93
N ALA A 203 11.57 -4.67 19.86
CA ALA A 203 12.85 -5.19 20.30
C ALA A 203 13.58 -5.87 19.15
N SER A 204 12.86 -6.56 18.28
CA SER A 204 13.51 -7.23 17.16
C SER A 204 14.11 -6.23 16.19
N ALA A 205 13.38 -5.16 15.88
CA ALA A 205 13.94 -4.11 15.05
C ALA A 205 15.20 -3.51 15.68
N ARG A 206 15.17 -3.23 16.98
CA ARG A 206 16.35 -2.68 17.63
C ARG A 206 17.49 -3.69 17.63
N ALA A 207 17.18 -4.98 17.80
CA ALA A 207 18.22 -5.99 17.80
C ALA A 207 18.92 -6.05 16.44
N PHE A 208 18.16 -5.92 15.35
CA PHE A 208 18.76 -5.82 14.02
C PHE A 208 19.74 -4.66 13.95
N GLY A 209 19.32 -3.48 14.42
CA GLY A 209 20.23 -2.34 14.40
C GLY A 209 21.50 -2.58 15.20
N ALA A 210 21.38 -3.21 16.38
CA ALA A 210 22.54 -3.46 17.23
C ALA A 210 23.43 -4.58 16.69
N ALA A 211 22.87 -5.50 15.91
CA ALA A 211 23.66 -6.56 15.30
C ALA A 211 24.53 -6.03 14.17
N PHE A 212 24.05 -5.00 13.47
CA PHE A 212 24.73 -4.40 12.32
C PHE A 212 24.93 -2.92 12.63
N PRO A 213 25.77 -2.60 13.62
CA PRO A 213 25.83 -1.21 14.10
C PRO A 213 26.47 -0.28 13.12
N LYS A 214 27.32 -0.80 12.24
CA LYS A 214 28.10 0.06 11.37
C LYS A 214 27.38 0.41 10.09
N ALA A 215 26.47 -0.45 9.62
CA ALA A 215 25.87 -0.27 8.31
C ALA A 215 25.14 1.07 8.18
N SER A 216 25.43 1.81 7.12
CA SER A 216 24.75 3.06 6.82
C SER A 216 23.69 2.93 5.73
N MET A 217 23.71 1.84 4.97
CA MET A 217 22.75 1.61 3.90
C MET A 217 21.87 0.43 4.31
N ILE A 218 20.63 0.72 4.68
CA ILE A 218 19.69 -0.27 5.15
C ILE A 218 18.78 -0.63 3.98
N VAL A 219 18.88 -1.87 3.52
CA VAL A 219 18.09 -2.38 2.41
C VAL A 219 16.90 -3.13 2.98
N MET A 220 15.77 -3.07 2.29
CA MET A 220 14.54 -3.64 2.80
C MET A 220 13.65 -4.06 1.65
N SER A 221 12.61 -4.83 1.98
CA SER A 221 11.85 -5.50 0.93
C SER A 221 11.04 -4.54 0.07
N HIS A 222 10.50 -3.45 0.64
CA HIS A 222 9.45 -2.72 -0.08
C HIS A 222 9.70 -1.23 -0.20
N SER A 223 10.94 -0.79 0.01
CA SER A 223 11.33 0.59 -0.21
C SER A 223 12.76 0.60 -0.70
N ALA A 224 13.15 1.76 -1.23
CA ALA A 224 14.52 1.95 -1.67
C ALA A 224 15.46 1.94 -0.47
N PRO A 225 16.74 1.65 -0.69
CA PRO A 225 17.69 1.67 0.43
C PRO A 225 17.65 3.01 1.17
N ASP A 226 17.74 2.93 2.48
CA ASP A 226 17.54 4.08 3.34
C ASP A 226 18.69 4.20 4.33
N SER A 227 18.65 5.25 5.14
CA SER A 227 19.59 5.46 6.23
C SER A 227 19.17 4.65 7.45
N ARG A 228 19.97 4.73 8.52
CA ARG A 228 19.62 4.03 9.74
C ARG A 228 18.34 4.57 10.37
N ALA A 229 17.88 5.76 9.93
CA ALA A 229 16.58 6.25 10.39
C ALA A 229 15.46 5.25 10.13
N ALA A 230 15.60 4.39 9.12
CA ALA A 230 14.61 3.34 8.88
C ALA A 230 14.49 2.41 10.08
N ILE A 231 15.62 2.09 10.73
CA ILE A 231 15.59 1.22 11.89
C ILE A 231 14.89 1.91 13.05
N THR A 232 15.30 3.13 13.36
CA THR A 232 14.72 3.88 14.47
CA THR A 232 14.70 3.83 14.49
C THR A 232 13.22 4.10 14.26
N HIS A 233 12.83 4.46 13.03
CA HIS A 233 11.43 4.71 12.75
C HIS A 233 10.60 3.42 12.84
N THR A 234 11.11 2.32 12.31
CA THR A 234 10.41 1.05 12.42
C THR A 234 10.20 0.70 13.89
N ALA A 235 11.25 0.85 14.71
CA ALA A 235 11.14 0.52 16.13
C ALA A 235 10.13 1.41 16.83
N ARG A 236 10.11 2.70 16.50
CA ARG A 236 9.16 3.60 17.17
C ARG A 236 7.71 3.33 16.74
N MET A 237 7.51 2.98 15.47
CA MET A 237 6.17 2.56 15.03
C MET A 237 5.76 1.30 15.77
N ALA A 238 6.70 0.36 15.96
CA ALA A 238 6.41 -0.88 16.64
C ALA A 238 6.18 -0.67 18.13
N ASP A 239 6.84 0.32 18.74
CA ASP A 239 6.56 0.64 20.14
C ASP A 239 5.07 0.91 20.36
N LYS A 240 4.38 1.49 19.36
CA LYS A 240 2.97 1.81 19.51
C LYS A 240 2.05 0.60 19.45
N LEU A 241 2.55 -0.57 19.04
CA LEU A 241 1.74 -1.78 19.03
C LEU A 241 1.65 -2.49 20.37
N ARG A 242 2.43 -2.07 21.36
CA ARG A 242 2.51 -2.78 22.62
C ARG A 242 1.53 -2.22 23.65
N ILE B 3 -7.88 -3.11 12.10
CA ILE B 3 -7.43 -2.10 13.04
C ILE B 3 -6.15 -1.40 12.56
N ARG B 4 -5.28 -2.15 11.90
CA ARG B 4 -4.01 -1.65 11.40
C ARG B 4 -3.85 -1.96 9.92
N PRO B 5 -4.34 -1.08 9.04
CA PRO B 5 -4.36 -1.41 7.61
C PRO B 5 -2.97 -1.42 7.00
N THR B 6 -2.82 -2.26 5.97
CA THR B 6 -1.61 -2.26 5.17
C THR B 6 -1.55 -1.03 4.28
N ILE B 7 -2.69 -0.63 3.72
CA ILE B 7 -2.84 0.61 2.96
C ILE B 7 -3.96 1.41 3.61
N GLY B 8 -3.72 2.70 3.82
CA GLY B 8 -4.64 3.62 4.46
C GLY B 8 -4.10 4.11 5.79
N GLN B 9 -4.72 5.16 6.30
CA GLN B 9 -4.25 5.74 7.56
C GLN B 9 -4.52 4.79 8.72
N GLN B 10 -3.67 4.89 9.75
CA GLN B 10 -3.87 4.15 10.98
C GLN B 10 -4.83 4.91 11.89
N MET B 11 -5.23 4.27 12.99
CA MET B 11 -6.07 4.94 13.96
C MET B 11 -5.25 5.86 14.86
N GLU B 12 -5.76 7.07 15.06
CA GLU B 12 -5.15 8.06 15.94
C GLU B 12 -6.22 8.57 16.90
N THR B 13 -5.80 9.39 17.85
CA THR B 13 -6.74 10.01 18.78
C THR B 13 -7.85 10.70 17.99
N GLY B 14 -9.06 10.61 18.50
CA GLY B 14 -10.22 11.15 17.81
C GLY B 14 -10.91 10.18 16.86
N ASP B 15 -10.42 8.96 16.74
CA ASP B 15 -11.08 7.97 15.89
C ASP B 15 -11.98 7.10 16.76
N GLN B 16 -13.21 6.88 16.31
CA GLN B 16 -14.20 6.06 17.00
C GLN B 16 -14.37 4.77 16.21
N ARG B 17 -14.10 3.64 16.86
CA ARG B 17 -14.37 2.35 16.25
C ARG B 17 -15.84 1.99 16.45
N PHE B 18 -16.50 1.56 15.38
CA PHE B 18 -17.90 1.18 15.43
C PHE B 18 -18.04 -0.08 14.57
N GLY B 19 -18.28 -1.20 15.21
CA GLY B 19 -18.21 -2.47 14.52
C GLY B 19 -16.89 -2.64 13.77
N ASP B 20 -16.98 -2.81 12.46
CA ASP B 20 -15.80 -3.01 11.62
C ASP B 20 -15.29 -1.72 11.00
N LEU B 21 -15.87 -0.58 11.37
CA LEU B 21 -15.56 0.67 10.70
C LEU B 21 -14.96 1.65 11.71
N VAL B 22 -14.42 2.73 11.19
CA VAL B 22 -13.84 3.81 11.99
C VAL B 22 -14.44 5.12 11.52
N PHE B 23 -14.81 5.97 12.47
CA PHE B 23 -15.39 7.28 12.18
C PHE B 23 -14.57 8.37 12.86
N ARG B 24 -14.39 9.48 12.16
CA ARG B 24 -13.61 10.60 12.67
C ARG B 24 -14.35 11.89 12.37
N GLN B 25 -14.59 12.70 13.38
CA GLN B 25 -15.22 13.98 13.16
C GLN B 25 -14.21 14.96 12.60
N LEU B 26 -14.54 15.60 11.47
CA LEU B 26 -13.65 16.55 10.83
C LEU B 26 -14.06 17.99 11.05
N ALA B 27 -15.34 18.23 11.29
CA ALA B 27 -15.90 19.55 11.52
C ALA B 27 -17.20 19.34 12.27
N PRO B 28 -17.83 20.40 12.77
CA PRO B 28 -19.06 20.19 13.57
C PRO B 28 -20.11 19.37 12.85
N ASN B 29 -20.18 19.46 11.53
CA ASN B 29 -21.19 18.78 10.73
C ASN B 29 -20.61 17.82 9.69
N VAL B 30 -19.34 17.40 9.82
CA VAL B 30 -18.73 16.54 8.83
C VAL B 30 -17.93 15.45 9.52
N TRP B 31 -18.13 14.20 9.09
CA TRP B 31 -17.39 13.06 9.61
C TRP B 31 -16.83 12.26 8.46
N GLN B 32 -15.69 11.60 8.69
CA GLN B 32 -15.11 10.69 7.72
C GLN B 32 -15.44 9.26 8.14
N HIS B 33 -15.96 8.48 7.19
CA HIS B 33 -16.19 7.04 7.40
C HIS B 33 -15.04 6.26 6.79
N THR B 34 -14.59 5.22 7.48
CA THR B 34 -13.49 4.39 6.98
C THR B 34 -13.89 2.93 7.11
N SER B 35 -13.71 2.19 6.02
CA SER B 35 -14.01 0.77 5.96
C SER B 35 -12.81 0.04 5.37
N TYR B 36 -12.76 -1.26 5.60
CA TYR B 36 -11.54 -2.02 5.35
C TYR B 36 -11.84 -3.26 4.53
N LEU B 37 -11.07 -3.46 3.46
CA LEU B 37 -11.17 -4.67 2.65
C LEU B 37 -9.98 -5.54 2.98
N ASP B 38 -10.23 -6.72 3.53
CA ASP B 38 -9.14 -7.59 3.92
C ASP B 38 -8.68 -8.39 2.71
N MET B 39 -7.43 -8.22 2.33
CA MET B 39 -7.01 -9.00 1.17
C MET B 39 -6.17 -10.18 1.62
N PRO B 40 -6.49 -11.38 1.17
CA PRO B 40 -5.80 -12.58 1.66
C PRO B 40 -4.30 -12.47 1.44
N GLY B 41 -3.55 -12.68 2.52
CA GLY B 41 -2.10 -12.62 2.48
C GLY B 41 -1.51 -11.24 2.39
N PHE B 42 -2.34 -10.19 2.47
CA PHE B 42 -1.83 -8.84 2.27
C PHE B 42 -2.28 -7.93 3.41
N GLY B 43 -3.45 -8.18 3.97
CA GLY B 43 -3.96 -7.34 5.04
C GLY B 43 -5.02 -6.39 4.53
N ALA B 44 -5.35 -5.41 5.36
CA ALA B 44 -6.52 -4.56 5.15
C ALA B 44 -6.17 -3.32 4.32
N VAL B 45 -7.08 -2.94 3.44
CA VAL B 45 -6.98 -1.69 2.69
C VAL B 45 -8.13 -0.80 3.16
N ALA B 46 -7.79 0.36 3.72
CA ALA B 46 -8.80 1.31 4.18
C ALA B 46 -9.29 2.15 3.01
N SER B 47 -10.57 2.50 3.07
CA SER B 47 -11.18 3.46 2.15
C SER B 47 -12.06 4.42 2.94
N ASN B 48 -11.98 5.70 2.59
CA ASN B 48 -12.65 6.77 3.31
C ASN B 48 -13.72 7.42 2.43
N GLY B 49 -14.84 7.79 3.08
CA GLY B 49 -15.84 8.66 2.51
C GLY B 49 -16.29 9.67 3.55
N LEU B 50 -17.37 10.40 3.28
CA LEU B 50 -17.82 11.46 4.17
C LEU B 50 -19.28 11.34 4.53
N ILE B 51 -19.62 11.89 5.69
CA ILE B 51 -20.99 12.06 6.17
C ILE B 51 -21.14 13.53 6.53
N VAL B 52 -22.20 14.17 6.02
CA VAL B 52 -22.39 15.61 6.25
C VAL B 52 -23.80 15.83 6.80
N ARG B 53 -23.90 16.53 7.94
CA ARG B 53 -25.20 16.95 8.42
C ARG B 53 -25.57 18.30 7.82
N ASP B 54 -26.78 18.41 7.28
CA ASP B 54 -27.27 19.63 6.66
C ASP B 54 -28.65 19.93 7.29
N GLY B 55 -28.66 20.57 8.46
CA GLY B 55 -29.92 20.81 9.15
C GLY B 55 -30.54 19.51 9.63
N GLY B 56 -31.78 19.22 9.23
CA GLY B 56 -32.46 18.03 9.70
C GLY B 56 -32.25 16.79 8.85
N ARG B 57 -31.20 16.76 8.02
CA ARG B 57 -30.92 15.58 7.20
C ARG B 57 -29.42 15.35 7.09
N VAL B 58 -29.06 14.18 6.60
CA VAL B 58 -27.67 13.75 6.45
C VAL B 58 -27.41 13.41 4.99
N LEU B 59 -26.19 13.72 4.51
CA LEU B 59 -25.79 13.42 3.14
C LEU B 59 -24.53 12.55 3.20
N VAL B 60 -24.40 11.58 2.29
CA VAL B 60 -23.27 10.65 2.33
C VAL B 60 -22.48 10.77 1.03
N VAL B 61 -21.15 10.76 1.13
CA VAL B 61 -20.27 10.67 -0.02
C VAL B 61 -19.53 9.34 0.07
N ASP B 62 -19.74 8.50 -0.94
CA ASP B 62 -19.13 7.17 -1.13
C ASP B 62 -19.74 6.10 -0.23
N THR B 63 -19.87 4.89 -0.78
CA THR B 63 -20.20 3.75 0.05
C THR B 63 -18.93 3.22 0.70
N ALA B 64 -19.10 2.19 1.52
CA ALA B 64 -17.98 1.35 1.95
C ALA B 64 -17.69 0.30 0.87
N TRP B 65 -16.72 -0.57 1.14
CA TRP B 65 -16.38 -1.61 0.16
C TRP B 65 -17.53 -2.57 -0.07
N THR B 66 -18.35 -2.84 0.94
CA THR B 66 -19.39 -3.87 0.85
C THR B 66 -20.72 -3.37 1.35
N ASP B 67 -21.78 -4.14 1.03
CA ASP B 67 -23.11 -3.82 1.54
C ASP B 67 -23.13 -3.85 3.06
N ASP B 68 -22.58 -4.89 3.67
CA ASP B 68 -22.67 -4.98 5.12
C ASP B 68 -21.96 -3.81 5.80
N GLN B 69 -20.79 -3.41 5.28
CA GLN B 69 -20.09 -2.27 5.85
C GLN B 69 -20.90 -0.99 5.65
N THR B 70 -21.56 -0.86 4.50
CA THR B 70 -22.36 0.32 4.24
C THR B 70 -23.59 0.37 5.15
N ALA B 71 -24.19 -0.79 5.42
CA ALA B 71 -25.27 -0.85 6.41
C ALA B 71 -24.77 -0.39 7.79
N GLN B 72 -23.52 -0.72 8.12
CA GLN B 72 -22.95 -0.24 9.39
C GLN B 72 -22.80 1.27 9.39
N ILE B 73 -22.40 1.88 8.27
CA ILE B 73 -22.39 3.34 8.20
C ILE B 73 -23.77 3.88 8.55
N LEU B 74 -24.82 3.30 7.96
CA LEU B 74 -26.17 3.80 8.21
C LEU B 74 -26.56 3.60 9.66
N ASN B 75 -26.09 2.52 10.27
CA ASN B 75 -26.38 2.28 11.68
CA ASN B 75 -26.40 2.31 11.67
C ASN B 75 -25.67 3.31 12.56
N TRP B 76 -24.41 3.63 12.22
CA TRP B 76 -23.70 4.67 12.96
C TRP B 76 -24.43 6.00 12.86
N ILE B 77 -24.89 6.36 11.66
CA ILE B 77 -25.63 7.60 11.51
C ILE B 77 -26.87 7.59 12.40
N LYS B 78 -27.60 6.48 12.42
CA LYS B 78 -28.78 6.37 13.25
C LYS B 78 -28.46 6.58 14.72
N GLN B 79 -27.36 5.97 15.20
CA GLN B 79 -27.01 6.05 16.61
C GLN B 79 -26.47 7.43 16.99
N GLU B 80 -25.61 8.01 16.16
CA GLU B 80 -24.86 9.19 16.56
C GLU B 80 -25.51 10.49 16.12
N ILE B 81 -26.30 10.48 15.05
CA ILE B 81 -26.95 11.67 14.52
C ILE B 81 -28.46 11.56 14.59
N ASN B 82 -29.01 10.40 14.27
CA ASN B 82 -30.45 10.15 14.40
C ASN B 82 -31.28 11.07 13.49
N LEU B 83 -30.83 11.27 12.26
CA LEU B 83 -31.54 12.04 11.26
C LEU B 83 -31.53 11.23 9.97
N PRO B 84 -32.47 11.48 9.07
CA PRO B 84 -32.57 10.66 7.85
C PRO B 84 -31.48 11.01 6.86
N VAL B 85 -31.02 10.00 6.13
CA VAL B 85 -30.09 10.22 5.03
C VAL B 85 -30.90 10.56 3.78
N ALA B 86 -30.69 11.77 3.26
CA ALA B 86 -31.45 12.22 2.11
C ALA B 86 -30.93 11.64 0.80
N LEU B 87 -29.62 11.53 0.68
CA LEU B 87 -29.04 11.13 -0.60
C LEU B 87 -27.59 10.77 -0.37
N ALA B 88 -27.05 10.03 -1.31
CA ALA B 88 -25.63 9.71 -1.35
C ALA B 88 -25.10 9.98 -2.75
N VAL B 89 -23.88 10.46 -2.81
CA VAL B 89 -23.17 10.62 -4.08
CA VAL B 89 -23.14 10.66 -4.06
C VAL B 89 -21.93 9.75 -4.02
N VAL B 90 -21.71 9.00 -5.11
CA VAL B 90 -20.57 8.09 -5.17
C VAL B 90 -19.64 8.56 -6.27
N THR B 91 -18.32 8.44 -6.03
CA THR B 91 -17.38 9.26 -6.77
C THR B 91 -16.70 8.57 -7.96
N HIS B 92 -16.86 7.25 -8.15
CA HIS B 92 -16.59 6.58 -9.43
C HIS B 92 -16.93 5.10 -9.26
N ALA B 93 -16.94 4.39 -10.38
CA ALA B 93 -17.45 3.02 -10.46
C ALA B 93 -16.34 2.00 -10.16
N HIS B 94 -15.87 2.00 -8.91
CA HIS B 94 -14.98 0.96 -8.39
C HIS B 94 -15.50 0.56 -7.02
N GLN B 95 -15.03 -0.60 -6.55
CA GLN B 95 -15.61 -1.21 -5.35
C GLN B 95 -15.48 -0.35 -4.10
N ASP B 96 -14.35 0.33 -3.92
CA ASP B 96 -14.17 1.11 -2.71
C ASP B 96 -15.18 2.25 -2.59
N LYS B 97 -15.73 2.72 -3.70
CA LYS B 97 -16.64 3.87 -3.71
C LYS B 97 -18.09 3.49 -3.96
N MET B 98 -18.33 2.35 -4.63
CA MET B 98 -19.66 1.91 -5.01
C MET B 98 -20.02 0.50 -4.59
N GLY B 99 -19.17 -0.19 -3.83
CA GLY B 99 -19.44 -1.58 -3.49
C GLY B 99 -20.67 -1.80 -2.65
N GLY B 100 -21.16 -0.77 -1.95
CA GLY B 100 -22.29 -0.92 -1.06
C GLY B 100 -23.59 -0.30 -1.52
N MET B 101 -23.75 -0.09 -2.83
CA MET B 101 -24.95 0.56 -3.36
CA MET B 101 -24.94 0.57 -3.34
C MET B 101 -26.21 -0.14 -2.89
N ASP B 102 -26.21 -1.47 -2.87
CA ASP B 102 -27.43 -2.19 -2.53
C ASP B 102 -27.92 -1.85 -1.12
N ALA B 103 -27.01 -1.59 -0.19
CA ALA B 103 -27.45 -1.25 1.16
C ALA B 103 -28.12 0.12 1.17
N LEU B 104 -27.62 1.07 0.37
CA LEU B 104 -28.27 2.38 0.29
C LEU B 104 -29.67 2.23 -0.29
N HIS B 105 -29.79 1.44 -1.36
CA HIS B 105 -31.08 1.27 -1.99
C HIS B 105 -32.07 0.57 -1.07
N ALA B 106 -31.62 -0.45 -0.35
CA ALA B 106 -32.52 -1.13 0.59
C ALA B 106 -33.05 -0.17 1.65
N ALA B 107 -32.24 0.82 2.03
CA ALA B 107 -32.65 1.82 3.01
C ALA B 107 -33.53 2.90 2.42
N GLY B 108 -33.75 2.89 1.10
CA GLY B 108 -34.54 3.92 0.47
C GLY B 108 -33.83 5.24 0.26
N ILE B 109 -32.50 5.24 0.20
CA ILE B 109 -31.71 6.46 0.03
C ILE B 109 -31.50 6.71 -1.46
N ALA B 110 -31.78 7.93 -1.90
CA ALA B 110 -31.58 8.30 -3.30
C ALA B 110 -30.09 8.40 -3.60
N THR B 111 -29.66 7.74 -4.67
CA THR B 111 -28.24 7.67 -4.99
C THR B 111 -27.94 8.39 -6.29
N TYR B 112 -26.78 9.05 -6.34
CA TYR B 112 -26.36 9.86 -7.47
C TYR B 112 -24.91 9.52 -7.82
N ALA B 113 -24.61 9.48 -9.12
CA ALA B 113 -23.24 9.30 -9.59
C ALA B 113 -23.14 9.98 -10.94
N ASN B 114 -21.91 10.28 -11.36
CA ASN B 114 -21.65 10.66 -12.75
C ASN B 114 -22.38 9.72 -13.70
N ALA B 115 -23.06 10.27 -14.72
CA ALA B 115 -23.68 9.42 -15.74
C ALA B 115 -22.71 8.37 -16.26
N LEU B 116 -21.47 8.75 -16.49
CA LEU B 116 -20.48 7.79 -16.95
C LEU B 116 -20.22 6.69 -15.92
N SER B 117 -20.19 7.04 -14.63
CA SER B 117 -20.07 6.00 -13.61
C SER B 117 -21.22 5.02 -13.68
N ASN B 118 -22.43 5.52 -13.91
CA ASN B 118 -23.57 4.63 -14.01
C ASN B 118 -23.47 3.76 -15.24
N GLN B 119 -22.92 4.29 -16.34
CA GLN B 119 -22.77 3.51 -17.56
C GLN B 119 -21.67 2.46 -17.40
N LEU B 120 -20.63 2.77 -16.63
CA LEU B 120 -19.54 1.82 -16.40
C LEU B 120 -19.88 0.78 -15.33
N ALA B 121 -20.79 1.10 -14.41
CA ALA B 121 -21.02 0.23 -13.25
C ALA B 121 -21.26 -1.22 -13.65
N PRO B 122 -22.14 -1.52 -14.60
CA PRO B 122 -22.37 -2.93 -14.93
C PRO B 122 -21.13 -3.64 -15.44
N GLN B 123 -20.19 -2.93 -16.04
CA GLN B 123 -18.96 -3.51 -16.54
C GLN B 123 -17.93 -3.71 -15.44
N GLU B 124 -18.12 -3.01 -14.31
CA GLU B 124 -17.20 -3.00 -13.18
C GLU B 124 -17.73 -3.83 -12.02
N GLY B 125 -18.77 -4.62 -12.26
CA GLY B 125 -19.36 -5.39 -11.20
C GLY B 125 -20.07 -4.57 -10.14
N MET B 126 -20.50 -3.35 -10.48
CA MET B 126 -21.26 -2.48 -9.59
C MET B 126 -22.72 -2.35 -9.98
N VAL B 127 -23.51 -1.91 -9.02
CA VAL B 127 -24.90 -1.51 -9.26
C VAL B 127 -24.88 -0.01 -9.50
N ALA B 128 -25.53 0.44 -10.57
CA ALA B 128 -25.57 1.87 -10.85
C ALA B 128 -26.36 2.63 -9.79
N ALA B 129 -25.99 3.89 -9.58
CA ALA B 129 -26.84 4.79 -8.83
C ALA B 129 -28.16 5.02 -9.57
N GLN B 130 -29.16 5.46 -8.83
CA GLN B 130 -30.49 5.65 -9.39
C GLN B 130 -30.65 6.95 -10.16
N HIS B 131 -29.71 7.88 -10.02
CA HIS B 131 -29.76 9.17 -10.69
C HIS B 131 -28.38 9.48 -11.24
N SER B 132 -28.35 10.17 -12.37
CA SER B 132 -27.12 10.54 -13.05
C SER B 132 -26.85 12.03 -12.97
N LEU B 133 -25.62 12.37 -12.59
CA LEU B 133 -25.11 13.71 -12.66
C LEU B 133 -24.46 13.93 -14.02
N THR B 134 -24.64 15.13 -14.57
CA THR B 134 -23.91 15.52 -15.76
C THR B 134 -23.17 16.81 -15.49
N PHE B 135 -22.20 17.10 -16.36
CA PHE B 135 -21.20 18.12 -16.09
C PHE B 135 -21.03 19.04 -17.28
N ALA B 136 -20.75 20.30 -17.00
CA ALA B 136 -20.39 21.27 -18.01
C ALA B 136 -18.98 21.02 -18.53
N ALA B 137 -18.64 21.77 -19.59
CA ALA B 137 -17.32 21.68 -20.20
C ALA B 137 -16.20 22.17 -19.29
N ASN B 138 -16.51 22.92 -18.24
CA ASN B 138 -15.50 23.30 -17.25
C ASN B 138 -15.54 22.44 -15.99
N GLY B 139 -16.33 21.36 -15.97
CA GLY B 139 -16.33 20.41 -14.88
C GLY B 139 -17.43 20.62 -13.84
N TRP B 140 -18.09 21.77 -13.80
CA TRP B 140 -19.10 21.98 -12.76
C TRP B 140 -20.36 21.16 -13.07
N VAL B 141 -20.95 20.56 -12.03
CA VAL B 141 -22.16 19.78 -12.22
C VAL B 141 -23.27 20.67 -12.75
N GLU B 142 -24.10 20.11 -13.62
CA GLU B 142 -25.33 20.79 -14.07
C GLU B 142 -26.31 20.83 -12.90
N PRO B 143 -26.69 22.02 -12.41
CA PRO B 143 -27.46 22.06 -11.14
C PRO B 143 -28.77 21.29 -11.19
N ALA B 144 -29.45 21.24 -12.33
CA ALA B 144 -30.72 20.52 -12.36
C ALA B 144 -30.54 19.02 -12.13
N THR B 145 -29.34 18.48 -12.37
CA THR B 145 -29.08 17.08 -12.11
C THR B 145 -28.68 16.80 -10.67
N ALA B 146 -28.45 17.83 -9.87
CA ALA B 146 -28.04 17.68 -8.47
C ALA B 146 -29.02 18.43 -7.59
N PRO B 147 -30.29 18.03 -7.60
CA PRO B 147 -31.32 18.80 -6.89
C PRO B 147 -31.16 18.67 -5.39
N ASN B 148 -31.26 19.80 -4.68
CA ASN B 148 -31.29 19.79 -3.21
C ASN B 148 -30.05 19.16 -2.62
N PHE B 149 -28.89 19.46 -3.19
CA PHE B 149 -27.63 18.88 -2.71
C PHE B 149 -27.07 19.64 -1.50
N GLY B 150 -27.75 20.67 -1.02
CA GLY B 150 -27.27 21.39 0.13
C GLY B 150 -25.86 21.89 -0.08
N PRO B 151 -24.96 21.57 0.85
CA PRO B 151 -23.57 22.06 0.76
C PRO B 151 -22.68 21.25 -0.18
N LEU B 152 -23.17 20.15 -0.76
CA LEU B 152 -22.30 19.36 -1.62
C LEU B 152 -22.16 20.04 -2.99
N LYS B 153 -20.93 20.43 -3.33
CA LYS B 153 -20.63 21.09 -4.60
CA LYS B 153 -20.64 21.08 -4.62
C LYS B 153 -19.82 20.11 -5.45
N VAL B 154 -20.47 19.47 -6.40
CA VAL B 154 -19.86 18.39 -7.17
C VAL B 154 -19.12 18.96 -8.38
N PHE B 155 -17.90 18.45 -8.61
CA PHE B 155 -17.02 18.92 -9.66
C PHE B 155 -16.36 17.73 -10.34
N TYR B 156 -16.42 17.68 -11.67
CA TYR B 156 -15.73 16.66 -12.44
C TYR B 156 -14.43 17.28 -12.94
N PRO B 157 -13.26 16.83 -12.46
CA PRO B 157 -12.01 17.56 -12.75
C PRO B 157 -11.36 17.15 -14.05
N GLY B 158 -11.90 16.12 -14.72
CA GLY B 158 -11.27 15.53 -15.88
C GLY B 158 -10.77 14.14 -15.55
N PRO B 159 -10.37 13.39 -16.58
CA PRO B 159 -9.91 12.01 -16.34
C PRO B 159 -8.61 11.99 -15.57
N GLY B 160 -8.49 11.04 -14.67
CA GLY B 160 -7.28 10.91 -13.89
C GLY B 160 -7.14 9.51 -13.36
N HIS B 161 -7.52 9.28 -12.10
CA HIS B 161 -7.54 7.91 -11.59
C HIS B 161 -8.43 7.02 -12.46
N THR B 162 -9.58 7.53 -12.86
CA THR B 162 -10.43 6.92 -13.89
C THR B 162 -10.99 8.03 -14.75
N SER B 163 -11.66 7.65 -15.83
CA SER B 163 -12.28 8.69 -16.65
C SER B 163 -13.53 9.27 -16.01
N ASP B 164 -14.14 8.57 -15.05
CA ASP B 164 -15.40 9.02 -14.46
C ASP B 164 -15.24 9.68 -13.09
N ASN B 165 -14.03 9.76 -12.54
CA ASN B 165 -13.85 10.24 -11.17
C ASN B 165 -14.40 11.65 -10.96
N ILE B 166 -15.18 11.83 -9.89
CA ILE B 166 -15.68 13.15 -9.50
C ILE B 166 -15.20 13.49 -8.10
N THR B 167 -15.35 14.76 -7.75
CA THR B 167 -14.89 15.30 -6.48
C THR B 167 -16.02 16.14 -5.89
N VAL B 168 -15.90 16.44 -4.59
CA VAL B 168 -16.99 17.12 -3.90
C VAL B 168 -16.42 18.13 -2.90
N GLY B 169 -16.77 19.41 -3.06
CA GLY B 169 -16.47 20.40 -2.04
C GLY B 169 -17.63 20.48 -1.06
N ILE B 170 -17.34 20.80 0.20
CA ILE B 170 -18.39 20.97 1.20
CA ILE B 170 -18.38 20.97 1.20
C ILE B 170 -18.52 22.46 1.48
N ASP B 171 -19.54 23.07 0.91
CA ASP B 171 -19.77 24.49 1.11
CA ASP B 171 -19.79 24.50 1.11
C ASP B 171 -20.01 24.78 2.60
N GLY B 172 -19.61 25.97 3.03
CA GLY B 172 -19.73 26.32 4.43
C GLY B 172 -18.69 25.67 5.31
N THR B 173 -17.68 25.04 4.71
CA THR B 173 -16.57 24.45 5.43
C THR B 173 -15.30 24.68 4.61
N ASP B 174 -14.17 24.33 5.19
CA ASP B 174 -12.90 24.37 4.48
C ASP B 174 -12.45 23.00 3.97
N ILE B 175 -13.41 22.10 3.71
CA ILE B 175 -13.12 20.72 3.31
C ILE B 175 -13.48 20.51 1.84
N ALA B 176 -12.62 19.78 1.14
CA ALA B 176 -12.96 19.27 -0.18
C ALA B 176 -12.48 17.83 -0.28
N PHE B 177 -13.23 17.01 -1.02
CA PHE B 177 -13.00 15.57 -1.09
C PHE B 177 -12.54 15.20 -2.49
N GLY B 178 -11.33 14.64 -2.58
CA GLY B 178 -10.77 14.23 -3.85
C GLY B 178 -10.94 12.76 -4.21
N GLY B 179 -11.50 11.95 -3.32
CA GLY B 179 -11.67 10.54 -3.64
C GLY B 179 -10.34 9.88 -3.94
N CYS B 180 -10.34 8.98 -4.93
CA CYS B 180 -9.13 8.25 -5.28
C CYS B 180 -8.22 9.02 -6.22
N LEU B 181 -8.68 10.15 -6.75
CA LEU B 181 -7.83 10.98 -7.60
C LEU B 181 -6.62 11.52 -6.84
N ILE B 182 -6.81 11.92 -5.60
CA ILE B 182 -5.80 12.65 -4.84
C ILE B 182 -5.16 11.69 -3.85
N LYS B 183 -3.83 11.71 -3.79
CA LYS B 183 -3.03 10.96 -2.84
C LYS B 183 -2.39 11.92 -1.85
N ASP B 184 -1.94 11.39 -0.72
CA ASP B 184 -1.50 12.35 0.28
C ASP B 184 -0.11 12.91 -0.06
N SER B 185 0.25 13.97 0.67
CA SER B 185 1.44 14.73 0.35
C SER B 185 2.71 13.92 0.54
N LYS B 186 2.66 12.82 1.29
CA LYS B 186 3.82 11.97 1.48
C LYS B 186 3.80 10.73 0.60
N ALA B 187 2.80 10.58 -0.26
CA ALA B 187 2.68 9.34 -1.02
C ALA B 187 3.84 9.19 -1.99
N LYS B 188 4.23 7.95 -2.23
CA LYS B 188 5.23 7.68 -3.24
C LYS B 188 4.63 7.22 -4.55
N SER B 189 3.37 6.81 -4.57
CA SER B 189 2.78 6.40 -5.82
C SER B 189 1.37 6.93 -5.93
N LEU B 190 0.87 6.91 -7.16
CA LEU B 190 -0.49 7.24 -7.47
C LEU B 190 -1.45 6.06 -7.34
N GLY B 191 -1.02 4.95 -6.73
CA GLY B 191 -1.97 3.86 -6.53
C GLY B 191 -2.23 3.10 -7.82
N ASN B 192 -3.47 2.60 -7.98
CA ASN B 192 -3.80 1.79 -9.15
C ASN B 192 -4.02 2.70 -10.34
N LEU B 193 -3.12 2.62 -11.33
CA LEU B 193 -3.21 3.36 -12.59
C LEU B 193 -3.76 2.52 -13.72
N GLY B 194 -4.25 1.32 -13.41
CA GLY B 194 -4.74 0.44 -14.46
C GLY B 194 -5.84 1.02 -15.33
N ASP B 195 -6.73 1.84 -14.74
CA ASP B 195 -7.84 2.47 -15.45
C ASP B 195 -7.59 3.97 -15.65
N ALA B 196 -6.37 4.44 -15.39
CA ALA B 196 -6.06 5.86 -15.32
C ALA B 196 -5.77 6.46 -16.69
N ASP B 197 -5.95 7.77 -16.76
CA ASP B 197 -5.58 8.57 -17.93
C ASP B 197 -4.28 9.27 -17.58
N THR B 198 -3.16 8.67 -18.00
CA THR B 198 -1.88 9.21 -17.56
C THR B 198 -1.57 10.53 -18.25
N GLU B 199 -2.14 10.77 -19.43
CA GLU B 199 -1.92 12.03 -20.13
CA GLU B 199 -1.91 12.03 -20.13
C GLU B 199 -2.56 13.20 -19.41
N HIS B 200 -3.78 13.03 -18.92
CA HIS B 200 -4.57 14.14 -18.40
C HIS B 200 -4.56 14.22 -16.88
N TYR B 201 -3.95 13.25 -16.18
CA TYR B 201 -4.04 13.16 -14.73
C TYR B 201 -3.58 14.46 -14.06
N ALA B 202 -2.42 14.97 -14.44
CA ALA B 202 -1.88 16.13 -13.74
C ALA B 202 -2.82 17.33 -13.85
N ALA B 203 -3.33 17.57 -15.06
CA ALA B 203 -4.25 18.69 -15.24
C ALA B 203 -5.53 18.49 -14.43
N SER B 204 -6.03 17.24 -14.37
CA SER B 204 -7.23 16.98 -13.58
C SER B 204 -7.01 17.21 -12.10
N ALA B 205 -5.87 16.77 -11.56
CA ALA B 205 -5.57 17.04 -10.16
C ALA B 205 -5.53 18.54 -9.90
N ARG B 206 -4.87 19.29 -10.79
CA ARG B 206 -4.78 20.75 -10.60
C ARG B 206 -6.14 21.41 -10.76
N ALA B 207 -6.98 20.88 -11.65
CA ALA B 207 -8.31 21.44 -11.82
C ALA B 207 -9.14 21.29 -10.56
N PHE B 208 -9.01 20.16 -9.85
CA PHE B 208 -9.66 19.99 -8.56
C PHE B 208 -9.22 21.07 -7.58
N GLY B 209 -7.91 21.32 -7.49
CA GLY B 209 -7.42 22.35 -6.60
C GLY B 209 -7.97 23.72 -6.95
N ALA B 210 -8.05 24.03 -8.26
CA ALA B 210 -8.53 25.33 -8.69
C ALA B 210 -10.04 25.48 -8.50
N ALA B 211 -10.76 24.36 -8.49
CA ALA B 211 -12.21 24.41 -8.29
C ALA B 211 -12.57 24.80 -6.87
N PHE B 212 -11.73 24.41 -5.90
CA PHE B 212 -11.97 24.63 -4.48
C PHE B 212 -10.74 25.33 -3.90
N PRO B 213 -10.48 26.56 -4.33
CA PRO B 213 -9.17 27.18 -4.03
C PRO B 213 -8.95 27.52 -2.58
N LYS B 214 -10.01 27.61 -1.77
CA LYS B 214 -9.89 27.96 -0.36
C LYS B 214 -10.12 26.78 0.56
N ALA B 215 -10.22 25.57 0.03
CA ALA B 215 -10.33 24.40 0.88
C ALA B 215 -8.96 24.09 1.45
N SER B 216 -8.84 24.12 2.77
CA SER B 216 -7.55 23.84 3.39
C SER B 216 -7.43 22.41 3.89
N MET B 217 -8.55 21.69 4.00
CA MET B 217 -8.52 20.31 4.45
C MET B 217 -8.97 19.43 3.29
N ILE B 218 -8.04 18.64 2.77
CA ILE B 218 -8.29 17.80 1.60
C ILE B 218 -8.46 16.36 2.08
N VAL B 219 -9.65 15.82 1.84
CA VAL B 219 -10.00 14.47 2.25
C VAL B 219 -9.86 13.56 1.02
N MET B 220 -9.37 12.35 1.23
CA MET B 220 -9.12 11.45 0.12
C MET B 220 -9.38 10.01 0.54
N SER B 221 -9.37 9.11 -0.45
CA SER B 221 -9.86 7.75 -0.18
C SER B 221 -8.95 6.95 0.72
N HIS B 222 -7.63 7.11 0.61
CA HIS B 222 -6.75 6.12 1.24
C HIS B 222 -5.68 6.71 2.16
N SER B 223 -5.89 7.93 2.63
CA SER B 223 -4.99 8.55 3.60
C SER B 223 -5.84 9.46 4.48
N ALA B 224 -5.26 9.86 5.61
CA ALA B 224 -5.91 10.81 6.50
C ALA B 224 -6.04 12.18 5.82
N PRO B 225 -6.98 12.99 6.26
CA PRO B 225 -7.11 14.35 5.71
C PRO B 225 -5.78 15.08 5.78
N ASP B 226 -5.50 15.86 4.74
CA ASP B 226 -4.19 16.47 4.53
C ASP B 226 -4.37 17.92 4.14
N SER B 227 -3.25 18.62 3.99
CA SER B 227 -3.24 19.98 3.51
C SER B 227 -3.38 19.98 1.99
N ARG B 228 -3.36 21.18 1.40
CA ARG B 228 -3.36 21.29 -0.05
C ARG B 228 -2.11 20.71 -0.70
N ALA B 229 -1.05 20.41 0.08
CA ALA B 229 0.10 19.72 -0.50
C ALA B 229 -0.26 18.34 -1.06
N ALA B 230 -1.36 17.74 -0.59
CA ALA B 230 -1.85 16.52 -1.24
C ALA B 230 -2.15 16.77 -2.72
N ILE B 231 -2.79 17.91 -3.02
CA ILE B 231 -3.11 18.22 -4.40
C ILE B 231 -1.84 18.47 -5.20
N THR B 232 -0.98 19.33 -4.68
CA THR B 232 0.20 19.73 -5.45
C THR B 232 1.15 18.56 -5.63
N HIS B 233 1.28 17.73 -4.59
CA HIS B 233 2.16 16.56 -4.71
C HIS B 233 1.58 15.54 -5.67
N THR B 234 0.26 15.33 -5.62
CA THR B 234 -0.36 14.42 -6.59
C THR B 234 -0.09 14.89 -8.02
N ALA B 235 -0.28 16.19 -8.27
CA ALA B 235 -0.03 16.71 -9.60
C ALA B 235 1.43 16.54 -10.02
N ARG B 236 2.36 16.77 -9.09
CA ARG B 236 3.79 16.58 -9.40
C ARG B 236 4.10 15.14 -9.77
N MET B 237 3.54 14.17 -9.06
CA MET B 237 3.79 12.79 -9.44
C MET B 237 3.19 12.53 -10.81
N ALA B 238 2.01 13.09 -11.07
CA ALA B 238 1.32 12.87 -12.34
C ALA B 238 2.06 13.53 -13.49
N ASP B 239 2.77 14.64 -13.25
CA ASP B 239 3.57 15.25 -14.31
C ASP B 239 4.52 14.23 -14.89
N LYS B 240 4.99 13.27 -14.08
CA LYS B 240 6.00 12.29 -14.47
C LYS B 240 5.45 11.22 -15.40
N LEU B 241 4.12 11.08 -15.45
CA LEU B 241 3.49 10.09 -16.31
C LEU B 241 3.41 10.54 -17.76
N ARG B 242 3.67 11.81 -18.05
CA ARG B 242 3.52 12.36 -19.40
C ARG B 242 4.86 12.36 -20.13
#